data_4REF
#
_entry.id   4REF
#
_cell.length_a   74.200
_cell.length_b   76.843
_cell.length_c   128.079
_cell.angle_alpha   90.00
_cell.angle_beta   90.00
_cell.angle_gamma   90.00
#
_symmetry.space_group_name_H-M   'P 21 21 21'
#
loop_
_entity.id
_entity.type
_entity.pdbx_description
1 polymer 'Nuclear receptor subfamily 4 group A member 1'
2 non-polymer GLYCEROL
3 non-polymer 1-(3,4,5-trihydroxyphenyl)hexan-1-one
4 water water
#
_entity_poly.entity_id   1
_entity_poly.type   'polypeptide(L)'
_entity_poly.pdbx_seq_one_letter_code
;SKPKQPPDASPANLLTSLVRAHLDSGPSTAKLDYSKFQELVLPHFGKEDAGDVQQFYDLLSGSLEVIRKWAEKIPGFAEL
SPADQDLLLESAFLELFIWRLAYRSKPGEGKLIFCSGLVLHRLQCARGFGDWIDSILAFSRSLHSLLVDVPAFACLSALV
LITDRHGLQEPRRVEELQNRIASCLKEHVAAVAGEPQPASCLSRLLGKLPELRTLCTQGLQRIFYLKLEDLVPPPPIIDK
IFMDTLPFLEHHHHHH
;
_entity_poly.pdbx_strand_id   B,A
#
loop_
_chem_comp.id
_chem_comp.type
_chem_comp.name
_chem_comp.formula
3N0 non-polymer 1-(3,4,5-trihydroxyphenyl)hexan-1-one 'C12 H16 O4'
GOL non-polymer GLYCEROL 'C3 H8 O3'
#
# COMPACT_ATOMS: atom_id res chain seq x y z
N PRO A 11 -29.78 10.24 -27.87
CA PRO A 11 -30.39 8.92 -28.02
C PRO A 11 -29.37 7.70 -28.04
N ALA A 12 -28.63 7.39 -29.13
CA ALA A 12 -28.91 7.86 -30.50
C ALA A 12 -27.95 8.93 -30.98
N ASN A 13 -28.37 10.19 -30.89
CA ASN A 13 -27.37 11.22 -30.88
C ASN A 13 -26.45 11.08 -29.63
N LEU A 14 -26.98 10.57 -28.53
CA LEU A 14 -26.19 10.43 -27.31
C LEU A 14 -25.01 9.46 -27.56
N LEU A 15 -25.31 8.30 -28.09
CA LEU A 15 -24.31 7.31 -28.46
C LEU A 15 -23.26 7.86 -29.41
N THR A 16 -23.69 8.57 -30.44
CA THR A 16 -22.78 9.20 -31.38
C THR A 16 -21.90 10.20 -30.71
N SER A 17 -22.49 10.99 -29.84
CA SER A 17 -21.69 11.97 -29.13
C SER A 17 -20.61 11.30 -28.27
N LEU A 18 -21.03 10.23 -27.59
CA LEU A 18 -20.11 9.53 -26.69
C LEU A 18 -18.99 8.88 -27.51
N VAL A 19 -19.33 8.29 -28.67
CA VAL A 19 -18.32 7.66 -29.55
C VAL A 19 -17.37 8.69 -30.03
N ARG A 20 -17.89 9.79 -30.50
CA ARG A 20 -17.03 10.84 -30.99
C ARG A 20 -16.14 11.38 -29.89
N ALA A 21 -16.68 11.61 -28.70
CA ALA A 21 -15.80 12.10 -27.61
C ALA A 21 -14.61 11.12 -27.33
N HIS A 22 -14.93 9.83 -27.27
CA HIS A 22 -13.94 8.78 -27.10
C HIS A 22 -12.85 8.80 -28.19
N LEU A 23 -13.27 8.76 -29.42
CA LEU A 23 -12.26 8.72 -30.51
C LEU A 23 -11.43 9.97 -30.64
N ASP A 24 -12.00 11.13 -30.35
CA ASP A 24 -11.14 12.34 -30.30
C ASP A 24 -10.22 12.46 -29.09
N SER A 25 -10.27 11.52 -28.12
CA SER A 25 -9.48 11.65 -26.86
C SER A 25 -8.24 10.78 -26.83
N GLY A 26 -7.82 10.31 -27.98
CA GLY A 26 -6.67 9.38 -27.99
C GLY A 26 -6.00 9.41 -29.37
N PRO A 27 -4.82 8.76 -29.50
CA PRO A 27 -4.07 8.86 -30.72
C PRO A 27 -4.68 8.00 -31.82
N SER A 28 -4.60 8.52 -33.01
CA SER A 28 -4.79 7.71 -34.20
C SER A 28 -3.69 6.64 -34.28
N THR A 29 -4.06 5.54 -34.88
CA THR A 29 -3.14 4.49 -35.23
C THR A 29 -1.91 5.06 -35.93
N ALA A 30 -2.13 5.96 -36.85
CA ALA A 30 -1.04 6.59 -37.56
C ALA A 30 -0.17 7.50 -36.68
N LYS A 31 -0.64 7.87 -35.53
CA LYS A 31 0.09 8.83 -34.68
C LYS A 31 0.86 8.12 -33.50
N LEU A 32 0.86 6.79 -33.49
CA LEU A 32 1.61 6.05 -32.50
C LEU A 32 3.11 6.32 -32.66
N ASP A 33 3.80 6.43 -31.52
CA ASP A 33 5.18 6.76 -31.44
C ASP A 33 5.96 5.59 -30.84
N TYR A 34 6.72 4.88 -31.68
CA TYR A 34 7.49 3.75 -31.27
C TYR A 34 8.92 4.11 -31.03
N SER A 35 9.28 5.36 -31.13
CA SER A 35 10.72 5.73 -31.03
C SER A 35 11.40 5.44 -29.67
N LYS A 36 10.65 5.18 -28.61
CA LYS A 36 11.25 4.85 -27.35
C LYS A 36 11.08 3.42 -27.06
N PHE A 37 10.32 2.73 -27.90
CA PHE A 37 9.95 1.35 -27.58
C PHE A 37 11.15 0.40 -27.62
N GLN A 38 11.22 -0.51 -26.65
CA GLN A 38 12.21 -1.58 -26.70
C GLN A 38 11.59 -2.97 -26.69
N GLU A 39 11.93 -3.75 -27.71
CA GLU A 39 11.35 -5.12 -27.81
C GLU A 39 12.04 -6.05 -26.81
N LEU A 40 13.36 -5.94 -26.73
CA LEU A 40 14.17 -6.69 -25.80
C LEU A 40 14.65 -5.67 -24.82
N VAL A 41 14.22 -5.79 -23.58
CA VAL A 41 14.69 -4.89 -22.51
C VAL A 41 15.84 -5.54 -21.75
N LEU A 42 16.92 -4.81 -21.65
CA LEU A 42 18.17 -5.32 -21.10
C LEU A 42 18.02 -5.61 -19.59
N PRO A 43 18.79 -6.59 -19.04
CA PRO A 43 18.70 -6.66 -17.56
C PRO A 43 19.11 -5.33 -16.91
N HIS A 44 18.43 -4.95 -15.85
CA HIS A 44 18.64 -3.65 -15.30
C HIS A 44 19.26 -3.82 -13.93
N PHE A 45 20.31 -3.08 -13.67
CA PHE A 45 20.95 -3.12 -12.38
C PHE A 45 20.34 -1.97 -11.55
N GLY A 46 19.50 -2.25 -10.53
CA GLY A 46 18.90 -1.18 -9.68
C GLY A 46 17.65 -1.30 -8.78
N LYS A 47 16.45 -1.63 -9.32
CA LYS A 47 15.13 -1.27 -8.66
C LYS A 47 14.93 0.27 -8.63
N GLU A 48 13.72 0.73 -8.24
CA GLU A 48 13.32 2.12 -8.68
C GLU A 48 14.33 3.19 -8.36
N ASP A 49 14.58 4.04 -9.34
CA ASP A 49 15.30 5.28 -9.09
C ASP A 49 14.43 6.45 -9.53
N ALA A 50 14.97 7.67 -9.38
CA ALA A 50 14.21 8.92 -9.54
C ALA A 50 13.61 9.05 -10.94
N GLY A 51 14.34 8.56 -11.94
CA GLY A 51 13.89 8.61 -13.31
C GLY A 51 12.65 7.70 -13.52
N ASP A 52 12.62 6.52 -12.91
CA ASP A 52 11.44 5.63 -12.96
C ASP A 52 10.22 6.27 -12.23
N VAL A 53 10.47 6.96 -11.13
CA VAL A 53 9.38 7.59 -10.42
C VAL A 53 8.84 8.77 -11.21
N GLN A 54 9.73 9.58 -11.74
CA GLN A 54 9.35 10.73 -12.57
C GLN A 54 8.53 10.29 -13.78
N GLN A 55 8.96 9.22 -14.40
CA GLN A 55 8.22 8.67 -15.52
C GLN A 55 6.82 8.24 -15.14
N PHE A 56 6.66 7.56 -14.03
CA PHE A 56 5.33 7.15 -13.58
C PHE A 56 4.41 8.35 -13.42
N TYR A 57 4.88 9.37 -12.72
CA TYR A 57 4.09 10.59 -12.56
C TYR A 57 3.85 11.34 -13.90
N ASP A 58 4.82 11.34 -14.81
CA ASP A 58 4.62 11.99 -16.13
C ASP A 58 3.55 11.25 -16.94
N LEU A 59 3.56 9.93 -16.88
CA LEU A 59 2.56 9.16 -17.61
C LEU A 59 1.16 9.42 -17.08
N LEU A 60 0.97 9.42 -15.75
CA LEU A 60 -0.34 9.83 -15.21
C LEU A 60 -0.71 11.27 -15.63
N SER A 61 0.22 12.20 -15.46
CA SER A 61 -0.07 13.59 -15.70
C SER A 61 -0.49 13.81 -17.16
N GLY A 62 0.16 13.12 -18.07
CA GLY A 62 -0.20 13.24 -19.51
C GLY A 62 -1.64 12.94 -19.80
N SER A 63 -2.36 12.32 -18.87
CA SER A 63 -3.81 12.09 -19.14
C SER A 63 -4.77 13.11 -18.47
N LEU A 64 -4.28 14.03 -17.64
CA LEU A 64 -5.23 14.91 -16.89
C LEU A 64 -6.08 15.78 -17.82
N GLU A 65 -5.41 16.45 -18.77
CA GLU A 65 -6.10 17.40 -19.66
C GLU A 65 -6.97 16.65 -20.65
N VAL A 66 -6.48 15.53 -21.17
CA VAL A 66 -7.25 14.72 -22.08
C VAL A 66 -8.55 14.22 -21.50
N ILE A 67 -8.50 13.73 -20.28
CA ILE A 67 -9.67 13.21 -19.69
C ILE A 67 -10.66 14.31 -19.34
N ARG A 68 -10.17 15.41 -18.91
CA ARG A 68 -11.02 16.53 -18.63
C ARG A 68 -11.76 17.00 -19.91
N LYS A 69 -11.03 17.08 -21.02
CA LYS A 69 -11.70 17.54 -22.29
C LYS A 69 -12.68 16.52 -22.80
N TRP A 70 -12.34 15.24 -22.62
CA TRP A 70 -13.31 14.22 -23.00
C TRP A 70 -14.60 14.36 -22.19
N ALA A 71 -14.44 14.55 -20.92
CA ALA A 71 -15.59 14.54 -20.05
C ALA A 71 -16.54 15.68 -20.44
N GLU A 72 -15.95 16.84 -20.75
CA GLU A 72 -16.76 18.02 -21.12
C GLU A 72 -17.56 17.84 -22.40
N LYS A 73 -17.23 16.84 -23.19
CA LYS A 73 -18.02 16.50 -24.34
C LYS A 73 -19.10 15.51 -24.08
N ILE A 74 -19.20 14.96 -22.88
CA ILE A 74 -20.33 14.04 -22.58
C ILE A 74 -21.61 14.90 -22.37
N PRO A 75 -22.69 14.61 -23.13
CA PRO A 75 -23.87 15.49 -23.02
C PRO A 75 -24.46 15.38 -21.66
N GLY A 76 -24.62 16.53 -21.06
CA GLY A 76 -25.11 16.62 -19.72
C GLY A 76 -24.02 16.83 -18.67
N PHE A 77 -22.76 16.45 -18.94
CA PHE A 77 -21.76 16.55 -17.91
C PHE A 77 -21.56 17.98 -17.54
N ALA A 78 -21.48 18.89 -18.55
CA ALA A 78 -21.25 20.29 -18.21
C ALA A 78 -22.46 20.95 -17.55
N GLU A 79 -23.58 20.24 -17.49
CA GLU A 79 -24.79 20.76 -16.81
C GLU A 79 -24.91 20.32 -15.38
N LEU A 80 -23.90 19.60 -14.90
CA LEU A 80 -23.76 19.29 -13.45
C LEU A 80 -23.09 20.52 -12.83
N SER A 81 -23.25 20.69 -11.52
CA SER A 81 -22.58 21.77 -10.82
C SER A 81 -21.06 21.67 -11.00
N PRO A 82 -20.37 22.82 -11.05
CA PRO A 82 -18.95 22.79 -11.25
C PRO A 82 -18.24 21.97 -10.14
N ALA A 83 -18.70 22.08 -8.91
CA ALA A 83 -18.12 21.27 -7.80
C ALA A 83 -18.37 19.77 -8.03
N ASP A 84 -19.53 19.39 -8.52
CA ASP A 84 -19.80 17.98 -8.83
C ASP A 84 -18.95 17.45 -9.99
N GLN A 85 -18.72 18.28 -10.98
CA GLN A 85 -17.89 17.95 -12.08
C GLN A 85 -16.45 17.66 -11.62
N ASP A 86 -15.91 18.54 -10.80
CA ASP A 86 -14.56 18.37 -10.34
C ASP A 86 -14.39 17.15 -9.44
N LEU A 87 -15.35 16.93 -8.59
CA LEU A 87 -15.33 15.79 -7.69
C LEU A 87 -15.47 14.48 -8.53
N LEU A 88 -16.34 14.45 -9.56
CA LEU A 88 -16.44 13.23 -10.41
C LEU A 88 -15.13 12.94 -11.12
N LEU A 89 -14.46 13.98 -11.61
CA LEU A 89 -13.22 13.85 -12.36
C LEU A 89 -12.10 13.40 -11.44
N GLU A 90 -11.96 14.04 -10.29
CA GLU A 90 -10.94 13.60 -9.35
C GLU A 90 -11.15 12.19 -8.90
N SER A 91 -12.38 11.83 -8.60
CA SER A 91 -12.67 10.51 -8.06
C SER A 91 -12.44 9.40 -9.09
N ALA A 92 -12.68 9.69 -10.38
CA ALA A 92 -12.58 8.72 -11.42
C ALA A 92 -11.24 8.69 -12.16
N PHE A 93 -10.34 9.61 -11.88
CA PHE A 93 -9.16 9.82 -12.68
C PHE A 93 -8.30 8.53 -12.86
N LEU A 94 -7.96 7.85 -11.77
CA LEU A 94 -7.15 6.65 -11.90
C LEU A 94 -7.89 5.58 -12.63
N GLU A 95 -9.13 5.38 -12.26
CA GLU A 95 -9.97 4.39 -12.92
C GLU A 95 -10.09 4.69 -14.44
N LEU A 96 -10.26 5.95 -14.81
CA LEU A 96 -10.34 6.28 -16.22
C LEU A 96 -9.00 6.11 -16.98
N PHE A 97 -7.92 6.52 -16.31
CA PHE A 97 -6.57 6.39 -16.84
C PHE A 97 -6.30 4.89 -17.16
N ILE A 98 -6.79 4.03 -16.29
CA ILE A 98 -6.52 2.58 -16.37
C ILE A 98 -7.47 1.92 -17.33
N TRP A 99 -8.72 2.26 -17.25
CA TRP A 99 -9.68 1.74 -18.19
C TRP A 99 -9.30 2.04 -19.66
N ARG A 100 -8.91 3.26 -19.97
CA ARG A 100 -8.61 3.67 -21.32
C ARG A 100 -7.25 3.05 -21.77
N LEU A 101 -6.33 2.97 -20.85
CA LEU A 101 -5.03 2.30 -21.06
C LEU A 101 -5.23 0.84 -21.37
N ALA A 102 -6.04 0.18 -20.58
CA ALA A 102 -6.26 -1.24 -20.73
C ALA A 102 -6.84 -1.57 -22.15
N TYR A 103 -7.73 -0.71 -22.61
CA TYR A 103 -8.39 -0.89 -23.84
C TYR A 103 -7.50 -0.55 -25.01
N ARG A 104 -6.67 0.49 -24.88
CA ARG A 104 -5.77 0.92 -25.95
C ARG A 104 -4.56 -0.01 -26.07
N SER A 105 -4.13 -0.65 -24.98
CA SER A 105 -2.89 -1.40 -24.98
C SER A 105 -3.06 -2.78 -25.63
N LYS A 106 -1.93 -3.45 -25.85
CA LYS A 106 -1.91 -4.74 -26.49
C LYS A 106 -1.28 -5.78 -25.51
N PRO A 107 -2.08 -6.31 -24.61
CA PRO A 107 -1.49 -7.08 -23.53
C PRO A 107 -0.80 -8.41 -24.02
N GLY A 108 -1.29 -8.99 -25.12
CA GLY A 108 -0.59 -10.08 -25.81
C GLY A 108 0.86 -9.82 -26.20
N GLU A 109 1.26 -8.57 -26.33
CA GLU A 109 2.67 -8.24 -26.57
C GLU A 109 3.32 -7.52 -25.42
N GLY A 110 2.66 -7.46 -24.27
CA GLY A 110 3.22 -6.63 -23.18
C GLY A 110 3.34 -5.16 -23.51
N LYS A 111 2.47 -4.68 -24.39
CA LYS A 111 2.67 -3.39 -24.96
C LYS A 111 1.67 -2.38 -24.40
N LEU A 112 2.18 -1.32 -23.78
CA LEU A 112 1.35 -0.27 -23.24
C LEU A 112 1.31 0.86 -24.19
N ILE A 113 0.11 1.37 -24.47
CA ILE A 113 -0.02 2.50 -25.40
C ILE A 113 -0.68 3.65 -24.71
N PHE A 114 0.03 4.77 -24.49
CA PHE A 114 -0.50 5.90 -23.75
C PHE A 114 -1.26 6.90 -24.62
N CYS A 115 -2.01 7.82 -23.99
CA CYS A 115 -2.91 8.66 -24.76
C CYS A 115 -2.15 9.61 -25.62
N SER A 116 -0.88 9.87 -25.35
CA SER A 116 -0.07 10.66 -26.27
C SER A 116 0.29 9.89 -27.53
N GLY A 117 0.07 8.57 -27.59
CA GLY A 117 0.63 7.74 -28.69
C GLY A 117 1.92 7.05 -28.36
N LEU A 118 2.53 7.44 -27.24
CA LEU A 118 3.74 6.74 -26.77
C LEU A 118 3.51 5.28 -26.49
N VAL A 119 4.39 4.44 -27.03
CA VAL A 119 4.31 2.99 -26.85
C VAL A 119 5.51 2.53 -26.03
N LEU A 120 5.27 1.82 -24.93
CA LEU A 120 6.37 1.30 -24.12
C LEU A 120 6.06 -0.19 -23.86
N HIS A 121 7.12 -0.97 -23.76
CA HIS A 121 7.01 -2.35 -23.38
C HIS A 121 6.87 -2.39 -21.87
N ARG A 122 6.27 -3.45 -21.38
CA ARG A 122 6.06 -3.61 -19.94
C ARG A 122 7.27 -3.30 -19.09
N LEU A 123 8.37 -3.90 -19.45
CA LEU A 123 9.54 -3.81 -18.56
C LEU A 123 10.07 -2.43 -18.61
N GLN A 124 9.68 -1.60 -19.56
CA GLN A 124 10.19 -0.26 -19.58
C GLN A 124 9.49 0.69 -18.59
N CYS A 125 8.33 0.32 -18.05
CA CYS A 125 7.72 1.24 -17.07
C CYS A 125 7.34 0.51 -15.77
N ALA A 126 7.71 -0.77 -15.64
CA ALA A 126 7.44 -1.57 -14.51
C ALA A 126 8.08 -1.06 -13.25
N ARG A 127 9.28 -0.50 -13.36
CA ARG A 127 9.93 0.01 -12.16
C ARG A 127 9.17 1.21 -11.55
N GLY A 128 8.60 2.07 -12.38
CA GLY A 128 7.85 3.12 -11.86
C GLY A 128 6.50 2.66 -11.30
N PHE A 129 5.79 1.89 -12.08
CA PHE A 129 4.47 1.39 -11.68
C PHE A 129 4.52 0.40 -10.54
N GLY A 130 5.62 -0.33 -10.43
CA GLY A 130 5.65 -1.47 -9.53
C GLY A 130 4.80 -2.58 -10.04
N ASP A 131 4.51 -3.53 -9.18
CA ASP A 131 3.67 -4.69 -9.53
C ASP A 131 2.29 -4.37 -10.05
N TRP A 132 1.79 -3.21 -9.73
CA TRP A 132 0.52 -2.75 -10.32
C TRP A 132 0.47 -2.93 -11.86
N ILE A 133 1.60 -2.76 -12.55
CA ILE A 133 1.56 -2.90 -14.02
C ILE A 133 1.15 -4.28 -14.50
N ASP A 134 1.53 -5.29 -13.74
CA ASP A 134 1.09 -6.64 -14.05
C ASP A 134 -0.37 -6.86 -13.83
N SER A 135 -0.91 -6.31 -12.72
CA SER A 135 -2.36 -6.34 -12.51
C SER A 135 -3.08 -5.61 -13.61
N ILE A 136 -2.54 -4.49 -14.04
CA ILE A 136 -3.17 -3.74 -15.13
C ILE A 136 -3.21 -4.55 -16.45
N LEU A 137 -2.09 -5.20 -16.80
CA LEU A 137 -2.05 -6.08 -18.03
C LEU A 137 -2.94 -7.29 -17.90
N ALA A 138 -3.08 -7.83 -16.70
CA ALA A 138 -4.01 -8.93 -16.54
C ALA A 138 -5.46 -8.42 -16.81
N PHE A 139 -5.78 -7.24 -16.28
CA PHE A 139 -7.16 -6.69 -16.49
C PHE A 139 -7.35 -6.34 -18.01
N SER A 140 -6.30 -5.83 -18.63
CA SER A 140 -6.33 -5.55 -20.04
C SER A 140 -6.57 -6.81 -20.88
N ARG A 141 -5.93 -7.91 -20.53
CA ARG A 141 -6.18 -9.20 -21.25
C ARG A 141 -7.57 -9.69 -21.04
N SER A 142 -8.07 -9.61 -19.81
CA SER A 142 -9.47 -9.89 -19.55
C SER A 142 -10.43 -8.97 -20.33
N LEU A 143 -10.18 -7.68 -20.34
CA LEU A 143 -11.07 -6.77 -21.11
C LEU A 143 -11.07 -7.12 -22.63
N HIS A 144 -9.88 -7.30 -23.18
CA HIS A 144 -9.71 -7.65 -24.58
C HIS A 144 -10.50 -8.94 -24.91
N SER A 145 -10.52 -9.92 -24.02
CA SER A 145 -11.24 -11.17 -24.34
C SER A 145 -12.71 -10.93 -24.51
N LEU A 146 -13.25 -9.93 -23.84
CA LEU A 146 -14.64 -9.61 -23.98
C LEU A 146 -15.00 -9.04 -25.33
N LEU A 147 -14.08 -8.48 -26.09
CA LEU A 147 -14.40 -7.96 -27.40
C LEU A 147 -15.47 -6.90 -27.27
N VAL A 148 -15.15 -5.89 -26.49
CA VAL A 148 -16.03 -4.79 -26.30
C VAL A 148 -15.90 -3.87 -27.52
N ASP A 149 -17.02 -3.55 -28.17
CA ASP A 149 -16.94 -2.67 -29.32
C ASP A 149 -16.84 -1.18 -28.88
N VAL A 150 -16.43 -0.30 -29.78
CA VAL A 150 -16.15 1.09 -29.47
C VAL A 150 -17.37 1.77 -28.82
N PRO A 151 -18.57 1.55 -29.36
CA PRO A 151 -19.68 2.26 -28.77
C PRO A 151 -19.98 1.85 -27.36
N ALA A 152 -19.92 0.54 -27.09
CA ALA A 152 -20.11 0.09 -25.74
C ALA A 152 -19.00 0.62 -24.82
N PHE A 153 -17.76 0.60 -25.29
CA PHE A 153 -16.68 1.14 -24.51
C PHE A 153 -16.90 2.61 -24.17
N ALA A 154 -17.34 3.38 -25.15
CA ALA A 154 -17.50 4.80 -25.03
C ALA A 154 -18.57 5.04 -23.98
N CYS A 155 -19.62 4.19 -23.90
CA CYS A 155 -20.65 4.30 -22.84
C CYS A 155 -20.07 3.94 -21.46
N LEU A 156 -19.30 2.85 -21.42
CA LEU A 156 -18.81 2.34 -20.16
C LEU A 156 -17.92 3.41 -19.55
N SER A 157 -17.09 4.03 -20.35
CA SER A 157 -16.17 5.04 -19.84
C SER A 157 -16.95 6.14 -19.11
N ALA A 158 -18.04 6.55 -19.73
CA ALA A 158 -18.83 7.60 -19.16
C ALA A 158 -19.43 7.13 -17.87
N LEU A 159 -19.75 5.84 -17.78
CA LEU A 159 -20.33 5.28 -16.56
C LEU A 159 -19.30 5.16 -15.44
N VAL A 160 -18.04 5.05 -15.80
CA VAL A 160 -16.99 5.07 -14.81
C VAL A 160 -16.95 6.44 -14.12
N LEU A 161 -17.17 7.49 -14.88
CA LEU A 161 -17.04 8.85 -14.38
C LEU A 161 -18.32 9.28 -13.68
N ILE A 162 -19.44 9.03 -14.30
CA ILE A 162 -20.72 9.57 -13.85
C ILE A 162 -21.34 8.49 -12.96
N THR A 163 -21.07 8.63 -11.68
CA THR A 163 -21.40 7.62 -10.74
C THR A 163 -21.48 8.23 -9.37
N ASP A 164 -22.13 7.55 -8.48
CA ASP A 164 -22.23 8.09 -7.12
C ASP A 164 -20.89 8.19 -6.43
N ARG A 165 -20.66 9.33 -5.81
CA ARG A 165 -19.55 9.58 -5.00
C ARG A 165 -19.98 10.38 -3.78
N HIS A 166 -19.23 10.17 -2.71
CA HIS A 166 -19.54 10.86 -1.48
C HIS A 166 -19.16 12.34 -1.66
N GLY A 167 -20.02 13.24 -1.21
CA GLY A 167 -19.80 14.68 -1.36
C GLY A 167 -20.51 15.40 -2.53
N LEU A 168 -21.23 14.69 -3.34
CA LEU A 168 -21.96 15.33 -4.45
C LEU A 168 -23.04 16.32 -3.97
N GLN A 169 -23.13 17.48 -4.57
CA GLN A 169 -24.19 18.42 -4.27
C GLN A 169 -25.47 17.98 -4.87
N GLU A 170 -25.47 17.45 -6.07
CA GLU A 170 -26.69 17.00 -6.71
C GLU A 170 -26.69 15.53 -7.13
N PRO A 171 -26.57 14.63 -6.17
CA PRO A 171 -26.51 13.21 -6.43
C PRO A 171 -27.63 12.65 -7.29
N ARG A 172 -28.85 13.17 -7.19
CA ARG A 172 -29.91 12.62 -8.08
C ARG A 172 -29.67 12.98 -9.53
N ARG A 173 -29.14 14.17 -9.76
CA ARG A 173 -28.88 14.57 -11.12
C ARG A 173 -27.75 13.72 -11.74
N VAL A 174 -26.77 13.37 -10.91
CA VAL A 174 -25.72 12.46 -11.37
C VAL A 174 -26.33 11.11 -11.69
N GLU A 175 -27.17 10.58 -10.80
CA GLU A 175 -27.89 9.32 -11.08
C GLU A 175 -28.79 9.40 -12.32
N GLU A 176 -29.47 10.52 -12.56
CA GLU A 176 -30.28 10.64 -13.79
C GLU A 176 -29.44 10.55 -15.02
N LEU A 177 -28.30 11.24 -15.01
CA LEU A 177 -27.45 11.21 -16.20
C LEU A 177 -26.86 9.81 -16.37
N GLN A 178 -26.49 9.20 -15.25
CA GLN A 178 -25.93 7.84 -15.33
C GLN A 178 -26.93 6.92 -15.99
N ASN A 179 -28.17 7.00 -15.53
CA ASN A 179 -29.25 6.20 -16.08
C ASN A 179 -29.47 6.41 -17.55
N ARG A 180 -29.43 7.66 -18.00
CA ARG A 180 -29.51 7.90 -19.44
C ARG A 180 -28.40 7.13 -20.16
N ILE A 181 -27.17 7.20 -19.64
CA ILE A 181 -26.04 6.56 -20.31
C ILE A 181 -26.19 5.06 -20.24
N ALA A 182 -26.60 4.55 -19.08
CA ALA A 182 -26.78 3.11 -18.94
C ALA A 182 -27.85 2.59 -19.91
N SER A 183 -28.91 3.34 -20.10
CA SER A 183 -29.94 2.83 -21.00
C SER A 183 -29.51 2.96 -22.46
N CYS A 184 -28.74 3.97 -22.78
CA CYS A 184 -28.15 4.10 -24.10
C CYS A 184 -27.25 2.87 -24.36
N LEU A 185 -26.46 2.49 -23.37
CA LEU A 185 -25.62 1.27 -23.52
C LEU A 185 -26.48 0.02 -23.76
N LYS A 186 -27.53 -0.13 -22.97
CA LYS A 186 -28.38 -1.31 -23.01
C LYS A 186 -29.11 -1.45 -24.36
N GLU A 187 -29.58 -0.33 -24.92
CA GLU A 187 -30.17 -0.27 -26.25
C GLU A 187 -29.14 -0.69 -27.22
N HIS A 188 -27.90 -0.22 -27.08
CA HIS A 188 -26.92 -0.50 -28.11
C HIS A 188 -26.61 -1.99 -28.10
N VAL A 189 -26.49 -2.56 -26.92
CA VAL A 189 -26.10 -3.91 -26.81
C VAL A 189 -27.22 -4.81 -27.41
N ALA A 190 -28.48 -4.46 -27.19
CA ALA A 190 -29.60 -5.17 -27.85
C ALA A 190 -29.64 -4.95 -29.36
N ALA A 191 -29.36 -3.76 -29.85
CA ALA A 191 -29.30 -3.51 -31.31
C ALA A 191 -28.23 -4.34 -32.01
N VAL A 192 -27.10 -4.56 -31.34
CA VAL A 192 -26.06 -5.47 -31.84
C VAL A 192 -26.37 -6.93 -31.49
N ALA A 193 -27.19 -7.16 -30.47
CA ALA A 193 -27.63 -8.50 -30.09
C ALA A 193 -29.16 -8.57 -29.91
N GLY A 194 -29.85 -7.43 -29.94
CA GLY A 194 -31.33 -7.33 -30.10
C GLY A 194 -32.25 -7.63 -28.90
N GLU A 195 -33.26 -6.77 -28.69
CA GLU A 195 -34.22 -6.94 -27.57
C GLU A 195 -33.51 -7.50 -26.32
N ALA A 199 -28.99 -9.37 -19.72
CA ALA A 199 -28.57 -10.64 -19.16
C ALA A 199 -27.04 -10.77 -19.32
N SER A 200 -26.60 -11.89 -19.90
CA SER A 200 -25.17 -12.21 -19.98
C SER A 200 -24.23 -11.10 -20.56
N CYS A 201 -24.42 -10.67 -21.81
CA CYS A 201 -23.45 -9.72 -22.41
C CYS A 201 -23.44 -8.43 -21.58
N LEU A 202 -24.58 -7.75 -21.42
CA LEU A 202 -24.66 -6.51 -20.62
C LEU A 202 -24.10 -6.65 -19.19
N SER A 203 -24.63 -7.58 -18.42
CA SER A 203 -24.04 -7.75 -17.11
C SER A 203 -22.53 -8.04 -17.20
N ARG A 204 -22.04 -8.68 -18.26
CA ARG A 204 -20.57 -8.84 -18.37
C ARG A 204 -19.81 -7.53 -18.65
N LEU A 205 -20.42 -6.63 -19.38
CA LEU A 205 -19.77 -5.33 -19.61
C LEU A 205 -19.76 -4.54 -18.26
N LEU A 206 -20.93 -4.48 -17.61
CA LEU A 206 -21.04 -3.75 -16.38
C LEU A 206 -20.20 -4.29 -15.27
N GLY A 207 -20.00 -5.58 -15.25
CA GLY A 207 -19.19 -6.22 -14.25
C GLY A 207 -17.71 -5.81 -14.29
N LYS A 208 -17.25 -5.24 -15.39
CA LYS A 208 -15.89 -4.73 -15.41
C LYS A 208 -15.77 -3.44 -14.53
N LEU A 209 -16.85 -2.73 -14.25
CA LEU A 209 -16.66 -1.49 -13.51
C LEU A 209 -16.14 -1.67 -12.06
N PRO A 210 -16.73 -2.58 -11.26
CA PRO A 210 -16.19 -2.82 -9.89
C PRO A 210 -14.84 -3.42 -9.90
N GLU A 211 -14.59 -4.29 -10.86
CA GLU A 211 -13.24 -4.80 -11.05
C GLU A 211 -12.21 -3.67 -11.27
N LEU A 212 -12.56 -2.73 -12.10
CA LEU A 212 -11.73 -1.57 -12.35
C LEU A 212 -11.45 -0.79 -11.05
N ARG A 213 -12.46 -0.64 -10.22
CA ARG A 213 -12.29 0.17 -9.06
C ARG A 213 -11.36 -0.49 -8.05
N THR A 214 -11.55 -1.79 -7.87
CA THR A 214 -10.63 -2.55 -7.12
C THR A 214 -9.25 -2.55 -7.62
N LEU A 215 -9.06 -2.64 -8.92
CA LEU A 215 -7.73 -2.53 -9.48
C LEU A 215 -7.05 -1.21 -9.16
N CYS A 216 -7.81 -0.14 -9.20
CA CYS A 216 -7.27 1.13 -8.86
C CYS A 216 -6.92 1.45 -7.39
N THR A 217 -7.38 0.62 -6.48
CA THR A 217 -6.88 0.63 -5.08
C THR A 217 -5.40 0.41 -5.07
N GLN A 218 -4.94 -0.43 -5.98
CA GLN A 218 -3.48 -0.72 -6.12
C GLN A 218 -2.71 0.49 -6.62
N GLY A 219 -3.38 1.36 -7.39
CA GLY A 219 -2.72 2.64 -7.79
C GLY A 219 -2.54 3.55 -6.61
N LEU A 220 -3.57 3.69 -5.78
CA LEU A 220 -3.44 4.51 -4.59
C LEU A 220 -2.30 3.89 -3.65
N GLN A 221 -2.26 2.58 -3.52
CA GLN A 221 -1.20 1.94 -2.78
C GLN A 221 0.15 2.32 -3.33
N ARG A 222 0.27 2.34 -4.65
CA ARG A 222 1.56 2.62 -5.23
C ARG A 222 1.95 4.06 -4.95
N ILE A 223 1.00 4.97 -5.06
CA ILE A 223 1.34 6.38 -4.83
C ILE A 223 1.72 6.59 -3.36
N PHE A 224 1.02 5.91 -2.46
CA PHE A 224 1.36 6.00 -1.02
C PHE A 224 2.82 5.56 -0.84
N TYR A 225 3.14 4.42 -1.40
CA TYR A 225 4.52 3.91 -1.30
C TYR A 225 5.53 4.93 -1.86
N LEU A 226 5.24 5.48 -3.01
CA LEU A 226 6.15 6.42 -3.58
C LEU A 226 6.27 7.71 -2.81
N LYS A 227 5.19 8.15 -2.19
CA LYS A 227 5.29 9.34 -1.37
C LYS A 227 6.12 9.05 -0.08
N LEU A 228 5.90 7.88 0.48
CA LEU A 228 6.67 7.41 1.61
C LEU A 228 8.18 7.34 1.29
N GLU A 229 8.54 6.84 0.12
CA GLU A 229 9.91 6.72 -0.28
C GLU A 229 10.46 8.07 -0.66
N ASP A 230 9.64 8.89 -1.31
CA ASP A 230 9.98 10.26 -1.62
C ASP A 230 11.24 10.44 -2.42
N LEU A 231 11.43 9.69 -3.48
CA LEU A 231 12.58 10.01 -4.37
C LEU A 231 12.26 11.24 -5.17
N VAL A 232 11.01 11.31 -5.56
CA VAL A 232 10.49 12.38 -6.38
C VAL A 232 9.06 12.54 -5.91
N PRO A 233 8.73 13.75 -5.50
CA PRO A 233 7.38 13.93 -4.97
C PRO A 233 6.37 13.92 -6.11
N PRO A 234 5.13 13.64 -5.79
CA PRO A 234 4.12 13.68 -6.80
C PRO A 234 3.87 15.14 -7.25
N PRO A 235 3.56 15.36 -8.52
CA PRO A 235 3.14 16.69 -8.98
C PRO A 235 1.87 17.11 -8.26
N PRO A 236 1.63 18.42 -8.18
CA PRO A 236 0.59 18.88 -7.28
C PRO A 236 -0.81 18.37 -7.58
N ILE A 237 -1.16 18.21 -8.85
CA ILE A 237 -2.53 17.79 -9.21
C ILE A 237 -2.73 16.31 -8.85
N ILE A 238 -1.73 15.49 -9.10
CA ILE A 238 -1.82 14.06 -8.70
C ILE A 238 -1.89 13.92 -7.20
N ASP A 239 -1.08 14.70 -6.52
CA ASP A 239 -1.04 14.66 -5.05
C ASP A 239 -2.43 15.04 -4.50
N LYS A 240 -3.08 16.03 -5.12
CA LYS A 240 -4.43 16.43 -4.64
C LYS A 240 -5.48 15.36 -4.86
N ILE A 241 -5.44 14.73 -6.03
CA ILE A 241 -6.30 13.62 -6.33
C ILE A 241 -6.07 12.51 -5.29
N PHE A 242 -4.80 12.17 -5.03
CA PHE A 242 -4.49 11.17 -4.00
C PHE A 242 -5.12 11.56 -2.66
N MET A 243 -4.81 12.75 -2.16
CA MET A 243 -5.33 13.14 -0.82
C MET A 243 -6.84 13.28 -0.81
N ASP A 244 -7.44 13.84 -1.87
CA ASP A 244 -8.93 14.02 -1.88
C ASP A 244 -9.66 12.77 -2.00
N THR A 245 -9.04 11.69 -2.52
CA THR A 245 -9.81 10.47 -2.66
C THR A 245 -9.51 9.48 -1.53
N LEU A 246 -8.77 9.88 -0.53
CA LEU A 246 -8.71 9.01 0.61
C LEU A 246 -9.87 9.23 1.57
N PRO A 247 -10.73 8.22 1.75
CA PRO A 247 -11.90 8.38 2.64
C PRO A 247 -11.63 8.38 4.17
N PHE A 248 -10.48 8.92 4.60
CA PHE A 248 -10.09 9.08 6.04
C PHE A 248 -9.15 10.31 6.22
N ALA B 12 26.90 -6.57 33.94
CA ALA B 12 26.62 -5.16 34.40
C ALA B 12 25.31 -5.06 35.19
N ASN B 13 25.19 -4.00 35.97
CA ASN B 13 23.89 -3.72 36.48
C ASN B 13 22.90 -3.16 35.43
N LEU B 14 23.35 -2.26 34.59
CA LEU B 14 22.52 -1.86 33.43
C LEU B 14 22.13 -3.08 32.56
N LEU B 15 23.11 -3.89 32.22
CA LEU B 15 22.85 -5.13 31.47
C LEU B 15 21.79 -5.99 32.11
N THR B 16 21.91 -6.18 33.40
CA THR B 16 20.98 -7.01 34.13
C THR B 16 19.62 -6.43 34.05
N SER B 17 19.56 -5.10 34.16
CA SER B 17 18.24 -4.46 34.13
C SER B 17 17.58 -4.60 32.73
N LEU B 18 18.41 -4.49 31.70
CA LEU B 18 17.92 -4.61 30.31
C LEU B 18 17.46 -6.03 30.05
N VAL B 19 18.22 -7.04 30.53
CA VAL B 19 17.88 -8.43 30.33
C VAL B 19 16.59 -8.75 31.01
N ARG B 20 16.45 -8.28 32.22
CA ARG B 20 15.22 -8.52 32.98
C ARG B 20 14.00 -7.82 32.37
N ALA B 21 14.18 -6.58 31.90
CA ALA B 21 13.07 -5.92 31.19
C ALA B 21 12.61 -6.75 29.95
N HIS B 22 13.58 -7.25 29.20
CA HIS B 22 13.32 -8.07 28.00
C HIS B 22 12.57 -9.34 28.37
N LEU B 23 13.13 -10.11 29.27
CA LEU B 23 12.46 -11.37 29.64
C LEU B 23 11.09 -11.20 30.25
N ASP B 24 10.87 -10.15 31.01
CA ASP B 24 9.51 -9.94 31.51
C ASP B 24 8.56 -9.33 30.49
N SER B 25 9.02 -9.02 29.26
CA SER B 25 8.10 -8.40 28.25
C SER B 25 7.56 -9.42 27.25
N GLY B 26 7.63 -10.68 27.61
CA GLY B 26 7.29 -11.70 26.67
C GLY B 26 7.04 -12.97 27.42
N PRO B 27 6.55 -13.98 26.72
CA PRO B 27 6.09 -15.17 27.42
C PRO B 27 7.26 -16.06 27.72
N SER B 28 7.20 -16.76 28.84
CA SER B 28 8.06 -17.93 29.06
C SER B 28 7.54 -19.09 28.17
N THR B 29 8.38 -20.08 27.88
CA THR B 29 7.91 -21.24 27.16
C THR B 29 6.75 -22.01 27.84
N ALA B 30 6.71 -21.97 29.16
CA ALA B 30 5.58 -22.52 29.89
C ALA B 30 4.29 -21.73 29.64
N LYS B 31 4.41 -20.51 29.16
CA LYS B 31 3.29 -19.55 29.09
C LYS B 31 2.60 -19.50 27.69
N LEU B 32 3.10 -20.28 26.73
CA LEU B 32 2.57 -20.20 25.34
C LEU B 32 1.15 -20.71 25.26
N ASP B 33 0.34 -19.97 24.51
CA ASP B 33 -1.08 -20.17 24.40
C ASP B 33 -1.36 -20.69 23.00
N TYR B 34 -1.66 -21.99 22.95
CA TYR B 34 -1.93 -22.69 21.73
C TYR B 34 -3.42 -22.79 21.47
N SER B 35 -4.22 -22.11 22.29
CA SER B 35 -5.69 -22.25 22.22
C SER B 35 -6.35 -21.68 20.93
N LYS B 36 -5.67 -20.83 20.15
CA LYS B 36 -6.20 -20.43 18.83
C LYS B 36 -5.37 -21.01 17.72
N PHE B 37 -4.30 -21.72 18.04
CA PHE B 37 -3.43 -22.24 16.99
C PHE B 37 -4.11 -23.30 16.16
N GLN B 38 -3.92 -23.23 14.86
CA GLN B 38 -4.39 -24.28 13.96
C GLN B 38 -3.28 -24.53 12.93
N GLU B 39 -2.89 -25.78 12.79
CA GLU B 39 -1.73 -26.17 12.00
C GLU B 39 -2.02 -25.88 10.52
N LEU B 40 -3.24 -26.14 10.11
CA LEU B 40 -3.63 -25.94 8.73
C LEU B 40 -5.00 -25.25 8.73
N VAL B 41 -5.05 -24.10 8.11
CA VAL B 41 -6.31 -23.43 7.82
C VAL B 41 -6.34 -23.22 6.26
N LEU B 42 -7.51 -23.14 5.65
CA LEU B 42 -7.57 -22.96 4.21
C LEU B 42 -8.07 -21.53 3.92
N PRO B 43 -7.15 -20.52 3.93
CA PRO B 43 -7.66 -19.16 3.75
C PRO B 43 -7.96 -18.83 2.29
N HIS B 44 -8.88 -17.92 2.08
CA HIS B 44 -8.92 -17.21 0.82
C HIS B 44 -7.86 -16.06 0.80
N PHE B 45 -6.74 -16.32 0.13
CA PHE B 45 -5.62 -15.37 0.06
C PHE B 45 -6.03 -14.04 -0.68
N GLY B 46 -5.39 -12.91 -0.32
CA GLY B 46 -5.62 -11.65 -1.04
C GLY B 46 -6.84 -10.87 -0.56
N LYS B 47 -7.57 -11.41 0.41
CA LYS B 47 -8.69 -10.72 0.99
C LYS B 47 -8.72 -10.97 2.51
N GLU B 48 -9.70 -10.37 3.19
CA GLU B 48 -9.82 -10.40 4.62
C GLU B 48 -11.25 -10.08 5.08
N ASP B 49 -11.62 -10.42 6.32
CA ASP B 49 -12.89 -10.00 6.86
C ASP B 49 -12.63 -9.24 8.16
N ALA B 50 -13.71 -8.73 8.78
CA ALA B 50 -13.59 -7.79 9.92
C ALA B 50 -12.88 -8.44 11.08
N GLY B 51 -13.10 -9.74 11.25
CA GLY B 51 -12.46 -10.44 12.37
C GLY B 51 -10.91 -10.56 12.12
N ASP B 52 -10.50 -10.81 10.90
CA ASP B 52 -9.08 -10.80 10.61
C ASP B 52 -8.49 -9.44 10.86
N VAL B 53 -9.16 -8.39 10.43
CA VAL B 53 -8.56 -7.05 10.56
C VAL B 53 -8.51 -6.65 12.04
N GLN B 54 -9.59 -6.93 12.75
CA GLN B 54 -9.64 -6.64 14.17
C GLN B 54 -8.55 -7.37 14.98
N GLN B 55 -8.32 -8.64 14.64
CA GLN B 55 -7.27 -9.36 15.27
C GLN B 55 -5.87 -8.75 14.99
N PHE B 56 -5.64 -8.31 13.76
CA PHE B 56 -4.40 -7.64 13.41
C PHE B 56 -4.20 -6.40 14.25
N TYR B 57 -5.23 -5.52 14.33
CA TYR B 57 -5.14 -4.38 15.19
C TYR B 57 -4.96 -4.77 16.65
N ASP B 58 -5.63 -5.80 17.13
CA ASP B 58 -5.46 -6.21 18.53
C ASP B 58 -4.04 -6.66 18.86
N LEU B 59 -3.41 -7.39 17.96
CA LEU B 59 -2.06 -7.83 18.10
C LEU B 59 -1.13 -6.62 18.13
N LEU B 60 -1.31 -5.64 17.25
CA LEU B 60 -0.46 -4.44 17.33
C LEU B 60 -0.67 -3.68 18.65
N SER B 61 -1.93 -3.51 19.02
CA SER B 61 -2.25 -2.80 20.31
C SER B 61 -1.67 -3.45 21.51
N GLY B 62 -1.83 -4.76 21.58
CA GLY B 62 -1.28 -5.49 22.72
C GLY B 62 0.24 -5.38 22.80
N SER B 63 0.88 -5.47 21.65
CA SER B 63 2.31 -5.29 21.57
C SER B 63 2.74 -3.92 22.00
N LEU B 64 2.03 -2.89 21.57
CA LEU B 64 2.39 -1.54 22.00
C LEU B 64 2.32 -1.38 23.51
N GLU B 65 1.32 -1.96 24.15
CA GLU B 65 1.19 -1.90 25.62
C GLU B 65 2.33 -2.65 26.35
N VAL B 66 2.70 -3.82 25.86
CA VAL B 66 3.84 -4.52 26.37
C VAL B 66 5.18 -3.73 26.17
N ILE B 67 5.35 -3.12 25.02
CA ILE B 67 6.53 -2.45 24.72
C ILE B 67 6.68 -1.17 25.63
N ARG B 68 5.58 -0.51 25.89
CA ARG B 68 5.55 0.62 26.75
C ARG B 68 5.99 0.23 28.16
N LYS B 69 5.48 -0.88 28.67
CA LYS B 69 5.91 -1.33 30.02
C LYS B 69 7.36 -1.73 30.03
N TRP B 70 7.83 -2.30 28.94
CA TRP B 70 9.23 -2.66 28.80
C TRP B 70 10.12 -1.44 28.85
N ALA B 71 9.69 -0.42 28.14
CA ALA B 71 10.49 0.73 27.97
C ALA B 71 10.65 1.43 29.30
N GLU B 72 9.54 1.48 30.08
CA GLU B 72 9.56 2.12 31.36
C GLU B 72 10.60 1.48 32.36
N LYS B 73 11.05 0.25 32.10
CA LYS B 73 12.02 -0.42 32.90
C LYS B 73 13.39 -0.17 32.43
N ILE B 74 13.60 0.58 31.34
CA ILE B 74 14.96 0.82 30.87
C ILE B 74 15.51 1.96 31.75
N PRO B 75 16.60 1.71 32.48
CA PRO B 75 17.01 2.74 33.45
C PRO B 75 17.30 4.03 32.74
N GLY B 76 16.68 5.08 33.20
CA GLY B 76 16.83 6.38 32.59
C GLY B 76 15.66 6.78 31.69
N PHE B 77 14.94 5.80 31.12
CA PHE B 77 13.91 6.18 30.13
C PHE B 77 12.78 6.92 30.78
N ALA B 78 12.34 6.45 31.96
CA ALA B 78 11.18 7.09 32.64
C ALA B 78 11.43 8.51 33.12
N GLU B 79 12.68 8.97 33.11
CA GLU B 79 12.98 10.35 33.47
C GLU B 79 13.16 11.26 32.32
N LEU B 80 12.94 10.73 31.12
CA LEU B 80 12.97 11.60 29.92
C LEU B 80 11.67 12.34 30.02
N SER B 81 11.56 13.47 29.31
CA SER B 81 10.29 14.16 29.27
C SER B 81 9.23 13.25 28.71
N PRO B 82 8.00 13.40 29.19
CA PRO B 82 6.90 12.63 28.69
C PRO B 82 6.73 12.72 27.20
N ALA B 83 6.90 13.91 26.66
CA ALA B 83 6.81 14.07 25.23
C ALA B 83 7.88 13.30 24.50
N ASP B 84 9.11 13.27 25.04
CA ASP B 84 10.23 12.55 24.42
C ASP B 84 9.96 11.04 24.50
N GLN B 85 9.44 10.58 25.63
CA GLN B 85 9.17 9.20 25.85
C GLN B 85 8.12 8.73 24.78
N ASP B 86 7.08 9.51 24.59
CA ASP B 86 6.10 9.18 23.56
C ASP B 86 6.65 9.16 22.14
N LEU B 87 7.48 10.13 21.84
CA LEU B 87 7.97 10.26 20.54
C LEU B 87 8.92 9.10 20.28
N LEU B 88 9.72 8.71 21.27
CA LEU B 88 10.63 7.59 21.04
C LEU B 88 9.80 6.35 20.78
N LEU B 89 8.78 6.14 21.59
CA LEU B 89 7.98 4.96 21.52
C LEU B 89 7.21 4.86 20.19
N GLU B 90 6.60 5.95 19.78
CA GLU B 90 5.89 5.99 18.51
C GLU B 90 6.79 5.71 17.35
N SER B 91 7.97 6.33 17.33
CA SER B 91 8.87 6.23 16.19
C SER B 91 9.45 4.84 16.08
N ALA B 92 9.64 4.13 17.21
CA ALA B 92 10.21 2.82 17.22
C ALA B 92 9.21 1.67 17.23
N PHE B 93 7.92 1.95 17.44
CA PHE B 93 7.00 0.91 17.68
C PHE B 93 7.01 -0.20 16.63
N LEU B 94 6.84 0.13 15.36
CA LEU B 94 6.70 -0.95 14.35
C LEU B 94 7.99 -1.77 14.24
N GLU B 95 9.07 -1.06 14.23
CA GLU B 95 10.41 -1.66 14.24
C GLU B 95 10.62 -2.58 15.41
N LEU B 96 10.17 -2.16 16.59
CA LEU B 96 10.27 -3.07 17.72
C LEU B 96 9.34 -4.26 17.58
N PHE B 97 8.13 -4.03 17.15
CA PHE B 97 7.20 -5.12 17.02
C PHE B 97 7.84 -6.23 16.12
N ILE B 98 8.41 -5.83 15.04
CA ILE B 98 8.88 -6.76 14.02
C ILE B 98 10.14 -7.43 14.57
N TRP B 99 11.08 -6.63 15.13
CA TRP B 99 12.28 -7.16 15.75
C TRP B 99 12.05 -8.19 16.82
N ARG B 100 11.20 -7.91 17.78
CA ARG B 100 10.88 -8.86 18.81
C ARG B 100 10.11 -10.10 18.27
N LEU B 101 9.20 -9.88 17.34
CA LEU B 101 8.41 -10.97 16.77
C LEU B 101 9.29 -11.93 15.99
N ALA B 102 10.23 -11.36 15.27
CA ALA B 102 11.15 -12.14 14.53
C ALA B 102 12.02 -13.02 15.47
N TYR B 103 12.44 -12.46 16.59
CA TYR B 103 13.32 -13.17 17.50
C TYR B 103 12.59 -14.23 18.21
N ARG B 104 11.31 -14.02 18.50
CA ARG B 104 10.51 -14.96 19.29
C ARG B 104 9.96 -16.11 18.46
N SER B 105 9.76 -15.87 17.15
CA SER B 105 8.98 -16.79 16.33
C SER B 105 9.80 -18.01 15.91
N LYS B 106 9.13 -18.96 15.25
CA LYS B 106 9.75 -20.20 14.81
C LYS B 106 9.52 -20.45 13.35
N PRO B 107 10.34 -19.83 12.54
CA PRO B 107 10.07 -19.84 11.12
C PRO B 107 10.14 -21.23 10.47
N GLY B 108 11.02 -22.07 10.98
CA GLY B 108 11.06 -23.50 10.60
C GLY B 108 9.78 -24.27 10.81
N GLU B 109 8.84 -23.76 11.62
CA GLU B 109 7.53 -24.42 11.73
C GLU B 109 6.41 -23.50 11.25
N GLY B 110 6.77 -22.35 10.67
CA GLY B 110 5.74 -21.34 10.34
C GLY B 110 4.93 -20.82 11.49
N LYS B 111 5.52 -20.82 12.68
CA LYS B 111 4.84 -20.31 13.88
C LYS B 111 5.28 -18.88 14.19
N LEU B 112 4.28 -18.03 14.36
CA LEU B 112 4.47 -16.69 14.83
C LEU B 112 4.08 -16.76 16.30
N ILE B 113 4.89 -16.17 17.13
CA ILE B 113 4.60 -16.19 18.54
C ILE B 113 4.57 -14.78 19.03
N PHE B 114 3.41 -14.31 19.47
CA PHE B 114 3.25 -12.91 19.92
C PHE B 114 3.61 -12.72 21.38
N CYS B 115 3.72 -11.45 21.79
CA CYS B 115 4.18 -11.17 23.16
C CYS B 115 3.20 -11.66 24.23
N SER B 116 1.93 -11.83 23.92
CA SER B 116 1.01 -12.42 24.87
C SER B 116 1.24 -13.92 25.04
N GLY B 117 2.09 -14.57 24.23
CA GLY B 117 2.19 -16.03 24.26
C GLY B 117 1.31 -16.69 23.19
N LEU B 118 0.43 -15.90 22.59
CA LEU B 118 -0.41 -16.35 21.48
C LEU B 118 0.45 -16.86 20.34
N VAL B 119 0.15 -18.07 19.90
CA VAL B 119 0.81 -18.71 18.81
C VAL B 119 -0.16 -18.84 17.65
N LEU B 120 0.24 -18.40 16.47
CA LEU B 120 -0.58 -18.52 15.29
C LEU B 120 0.30 -19.00 14.17
N HIS B 121 -0.28 -19.80 13.30
CA HIS B 121 0.42 -20.29 12.15
C HIS B 121 0.43 -19.18 11.10
N ARG B 122 1.41 -19.29 10.22
CA ARG B 122 1.53 -18.38 9.10
C ARG B 122 0.21 -18.12 8.29
N LEU B 123 -0.49 -19.20 8.00
CA LEU B 123 -1.76 -19.25 7.25
C LEU B 123 -2.88 -18.55 7.99
N GLN B 124 -2.90 -18.60 9.30
CA GLN B 124 -3.84 -17.87 10.13
C GLN B 124 -3.52 -16.36 10.20
N CYS B 125 -2.32 -15.94 9.83
CA CYS B 125 -2.01 -14.52 9.85
C CYS B 125 -2.09 -13.89 8.47
N ALA B 126 -2.10 -14.72 7.44
CA ALA B 126 -2.10 -14.29 6.05
C ALA B 126 -3.19 -13.28 5.64
N ARG B 127 -4.41 -13.58 5.99
CA ARG B 127 -5.48 -12.66 5.72
C ARG B 127 -5.32 -11.24 6.39
N GLY B 128 -5.13 -11.20 7.68
CA GLY B 128 -5.00 -9.86 8.34
C GLY B 128 -3.74 -9.11 7.99
N PHE B 129 -2.62 -9.83 7.93
CA PHE B 129 -1.32 -9.22 7.77
C PHE B 129 -0.94 -9.08 6.32
N GLY B 130 -1.49 -9.92 5.44
CA GLY B 130 -1.12 -9.89 4.01
C GLY B 130 0.29 -10.53 3.93
N ASP B 131 1.08 -10.07 2.99
CA ASP B 131 2.40 -10.60 2.70
C ASP B 131 3.43 -10.24 3.76
N TRP B 132 3.18 -9.17 4.49
CA TRP B 132 4.06 -8.69 5.54
C TRP B 132 4.51 -9.85 6.49
N ILE B 133 3.61 -10.76 6.81
CA ILE B 133 3.92 -11.84 7.77
C ILE B 133 4.93 -12.83 7.22
N ASP B 134 4.86 -13.10 5.93
CA ASP B 134 5.81 -13.96 5.26
C ASP B 134 7.18 -13.36 5.20
N SER B 135 7.24 -12.05 4.91
CA SER B 135 8.48 -11.32 4.96
C SER B 135 9.08 -11.25 6.40
N ILE B 136 8.24 -11.12 7.40
CA ILE B 136 8.71 -11.10 8.75
C ILE B 136 9.36 -12.46 9.08
N LEU B 137 8.76 -13.56 8.64
CA LEU B 137 9.34 -14.86 8.82
C LEU B 137 10.68 -15.03 8.13
N ALA B 138 10.82 -14.48 6.97
CA ALA B 138 12.12 -14.54 6.27
C ALA B 138 13.18 -13.78 7.08
N PHE B 139 12.79 -12.65 7.62
CA PHE B 139 13.73 -11.88 8.48
C PHE B 139 14.04 -12.67 9.78
N SER B 140 13.04 -13.36 10.32
CA SER B 140 13.22 -14.23 11.45
C SER B 140 14.29 -15.27 11.17
N ARG B 141 14.26 -15.88 10.00
CA ARG B 141 15.31 -16.84 9.61
C ARG B 141 16.70 -16.15 9.52
N SER B 142 16.75 -15.00 8.91
CA SER B 142 17.99 -14.25 8.80
C SER B 142 18.53 -13.82 10.17
N LEU B 143 17.68 -13.34 11.05
CA LEU B 143 18.09 -13.04 12.44
C LEU B 143 18.59 -14.27 13.25
N HIS B 144 17.83 -15.35 13.20
CA HIS B 144 18.19 -16.58 13.87
C HIS B 144 19.57 -17.12 13.40
N SER B 145 19.90 -16.97 12.12
CA SER B 145 21.17 -17.46 11.62
C SER B 145 22.34 -16.75 12.27
N LEU B 146 22.14 -15.53 12.77
CA LEU B 146 23.17 -14.78 13.46
C LEU B 146 23.48 -15.23 14.86
N LEU B 147 22.57 -15.95 15.49
CA LEU B 147 22.80 -16.43 16.81
C LEU B 147 23.06 -15.27 17.77
N VAL B 148 22.14 -14.30 17.80
CA VAL B 148 22.23 -13.18 18.75
C VAL B 148 21.77 -13.67 20.12
N ASP B 149 22.61 -13.50 21.16
CA ASP B 149 22.25 -14.01 22.48
C ASP B 149 21.29 -13.04 23.18
N VAL B 150 20.63 -13.48 24.24
CA VAL B 150 19.66 -12.67 24.96
C VAL B 150 20.19 -11.31 25.41
N PRO B 151 21.40 -11.26 25.95
CA PRO B 151 21.76 -9.99 26.50
C PRO B 151 22.05 -9.04 25.39
N ALA B 152 22.72 -9.51 24.34
CA ALA B 152 22.93 -8.63 23.24
C ALA B 152 21.57 -8.14 22.63
N PHE B 153 20.60 -9.04 22.53
CA PHE B 153 19.31 -8.69 21.94
C PHE B 153 18.61 -7.66 22.83
N ALA B 154 18.70 -7.85 24.13
CA ALA B 154 18.13 -6.90 25.10
C ALA B 154 18.73 -5.51 24.92
N CYS B 155 20.04 -5.41 24.66
CA CYS B 155 20.65 -4.11 24.45
C CYS B 155 20.25 -3.52 23.14
N LEU B 156 20.22 -4.36 22.11
CA LEU B 156 19.92 -3.89 20.77
C LEU B 156 18.50 -3.34 20.73
N SER B 157 17.59 -4.00 21.41
CA SER B 157 16.19 -3.55 21.41
C SER B 157 16.11 -2.18 21.98
N ALA B 158 16.88 -1.92 23.02
CA ALA B 158 16.85 -0.59 23.69
C ALA B 158 17.45 0.43 22.79
N LEU B 159 18.46 0.07 22.02
CA LEU B 159 19.09 0.98 21.08
C LEU B 159 18.22 1.31 19.86
N VAL B 160 17.30 0.41 19.53
CA VAL B 160 16.29 0.74 18.53
C VAL B 160 15.37 1.81 19.04
N LEU B 161 15.03 1.78 20.30
CA LEU B 161 14.11 2.76 20.91
C LEU B 161 14.81 4.08 21.22
N ILE B 162 16.02 4.01 21.77
CA ILE B 162 16.70 5.21 22.33
C ILE B 162 17.68 5.69 21.28
N THR B 163 17.22 6.63 20.49
CA THR B 163 17.99 7.00 19.35
C THR B 163 17.55 8.39 19.01
N ASP B 164 18.33 9.04 18.18
CA ASP B 164 17.93 10.33 17.68
C ASP B 164 16.64 10.24 16.89
N ARG B 165 15.76 11.21 17.12
CA ARG B 165 14.60 11.45 16.28
C ARG B 165 14.37 12.92 16.15
N HIS B 166 13.83 13.33 15.01
CA HIS B 166 13.46 14.68 14.80
C HIS B 166 12.36 15.03 15.75
N GLY B 167 12.45 16.18 16.40
CA GLY B 167 11.42 16.62 17.36
C GLY B 167 11.67 16.34 18.85
N LEU B 168 12.75 15.69 19.17
CA LEU B 168 13.07 15.47 20.60
C LEU B 168 13.33 16.82 21.30
N GLN B 169 12.76 16.99 22.49
CA GLN B 169 13.06 18.13 23.32
C GLN B 169 14.48 18.06 23.90
N GLU B 170 14.92 16.88 24.33
CA GLU B 170 16.23 16.74 24.90
C GLU B 170 17.11 15.74 24.22
N PRO B 171 17.42 16.00 22.99
CA PRO B 171 18.22 15.06 22.24
C PRO B 171 19.53 14.64 22.87
N ARG B 172 20.24 15.53 23.58
CA ARG B 172 21.53 15.17 24.24
C ARG B 172 21.34 14.14 25.33
N ARG B 173 20.24 14.26 26.07
CA ARG B 173 19.94 13.27 27.13
C ARG B 173 19.67 11.91 26.49
N VAL B 174 18.99 11.92 25.38
CA VAL B 174 18.70 10.63 24.67
C VAL B 174 20.02 10.09 24.16
N GLU B 175 20.86 10.99 23.61
CA GLU B 175 22.19 10.54 23.17
C GLU B 175 23.09 10.03 24.30
N GLU B 176 23.01 10.65 25.47
CA GLU B 176 23.79 10.12 26.62
C GLU B 176 23.36 8.72 26.98
N LEU B 177 22.05 8.50 26.98
CA LEU B 177 21.53 7.19 27.34
C LEU B 177 21.84 6.17 26.21
N GLN B 178 21.81 6.62 24.96
CA GLN B 178 22.26 5.76 23.84
C GLN B 178 23.71 5.42 24.04
N ASN B 179 24.54 6.40 24.39
CA ASN B 179 25.99 6.08 24.68
C ASN B 179 26.15 5.03 25.77
N ARG B 180 25.43 5.16 26.88
CA ARG B 180 25.49 4.16 27.97
C ARG B 180 25.12 2.74 27.56
N ILE B 181 24.03 2.62 26.79
CA ILE B 181 23.56 1.30 26.37
C ILE B 181 24.57 0.69 25.39
N ALA B 182 25.08 1.51 24.48
CA ALA B 182 26.08 1.02 23.54
C ALA B 182 27.39 0.55 24.22
N SER B 183 27.81 1.25 25.27
CA SER B 183 28.97 0.79 26.12
C SER B 183 28.64 -0.49 26.81
N CYS B 184 27.44 -0.57 27.35
CA CYS B 184 27.06 -1.81 28.01
C CYS B 184 27.07 -3.00 27.01
N LEU B 185 26.57 -2.76 25.79
CA LEU B 185 26.56 -3.87 24.79
C LEU B 185 28.03 -4.28 24.48
N LYS B 186 28.89 -3.30 24.30
CA LYS B 186 30.27 -3.53 23.88
C LYS B 186 30.97 -4.35 24.95
N GLU B 187 30.74 -4.03 26.20
CA GLU B 187 31.36 -4.75 27.34
C GLU B 187 30.88 -6.16 27.29
N HIS B 188 29.61 -6.37 26.96
CA HIS B 188 29.06 -7.73 26.95
C HIS B 188 29.66 -8.57 25.81
N VAL B 189 29.81 -7.93 24.67
CA VAL B 189 30.32 -8.62 23.51
C VAL B 189 31.82 -9.00 23.75
N ALA B 190 32.59 -8.11 24.36
CA ALA B 190 33.96 -8.41 24.76
C ALA B 190 34.03 -9.52 25.82
N ALA B 191 33.13 -9.53 26.79
CA ALA B 191 33.07 -10.61 27.76
C ALA B 191 32.79 -11.98 27.14
N VAL B 192 31.91 -12.02 26.15
CA VAL B 192 31.64 -13.28 25.46
C VAL B 192 32.79 -13.70 24.53
N ALA B 193 33.48 -12.77 23.89
CA ALA B 193 34.67 -13.13 23.09
C ALA B 193 35.90 -13.40 23.98
N GLY B 194 35.83 -13.04 25.26
CA GLY B 194 36.94 -13.31 26.21
C GLY B 194 38.28 -12.66 25.85
N CYS B 201 31.30 -5.14 18.04
CA CYS B 201 31.87 -4.57 16.77
C CYS B 201 31.38 -5.35 15.56
N LEU B 202 30.06 -5.64 15.56
CA LEU B 202 29.45 -6.70 14.75
C LEU B 202 29.44 -6.43 13.24
N SER B 203 28.63 -5.46 12.78
CA SER B 203 28.57 -5.13 11.35
C SER B 203 27.85 -6.17 10.48
N ARG B 204 27.99 -7.45 10.81
CA ARG B 204 27.15 -8.52 10.19
C ARG B 204 25.65 -8.33 10.45
N LEU B 205 25.33 -7.93 11.67
CA LEU B 205 23.99 -7.68 12.04
C LEU B 205 23.43 -6.48 11.27
N LEU B 206 24.23 -5.42 11.18
CA LEU B 206 23.82 -4.24 10.43
C LEU B 206 23.56 -4.53 8.96
N GLY B 207 24.21 -5.55 8.42
CA GLY B 207 23.95 -5.98 7.06
C GLY B 207 22.49 -6.42 6.83
N LYS B 208 21.77 -6.80 7.89
CA LYS B 208 20.36 -7.21 7.83
C LYS B 208 19.41 -6.03 7.97
N LEU B 209 19.95 -4.90 8.39
CA LEU B 209 19.11 -3.75 8.74
C LEU B 209 18.20 -3.23 7.57
N PRO B 210 18.72 -3.25 6.32
CA PRO B 210 17.83 -2.91 5.18
C PRO B 210 16.63 -3.82 5.04
N GLU B 211 16.79 -5.12 5.34
CA GLU B 211 15.65 -6.02 5.36
C GLU B 211 14.65 -5.50 6.44
N LEU B 212 15.14 -5.07 7.61
CA LEU B 212 14.25 -4.56 8.64
C LEU B 212 13.51 -3.32 8.27
N ARG B 213 14.20 -2.41 7.67
CA ARG B 213 13.60 -1.14 7.29
C ARG B 213 12.56 -1.36 6.24
N THR B 214 12.87 -2.19 5.24
CA THR B 214 11.84 -2.56 4.35
C THR B 214 10.62 -3.07 5.11
N LEU B 215 10.83 -3.94 6.09
CA LEU B 215 9.70 -4.48 6.84
C LEU B 215 8.86 -3.37 7.55
N CYS B 216 9.51 -2.35 8.06
CA CYS B 216 8.75 -1.30 8.71
C CYS B 216 7.85 -0.57 7.70
N THR B 217 8.40 -0.36 6.50
CA THR B 217 7.69 0.26 5.43
C THR B 217 6.51 -0.59 5.07
N GLN B 218 6.72 -1.89 5.02
CA GLN B 218 5.73 -2.80 4.64
C GLN B 218 4.55 -2.80 5.64
N GLY B 219 4.87 -2.59 6.91
CA GLY B 219 3.85 -2.44 7.92
C GLY B 219 3.01 -1.25 7.62
N LEU B 220 3.65 -0.07 7.36
CA LEU B 220 2.90 1.14 7.08
C LEU B 220 1.98 0.91 5.83
N GLN B 221 2.49 0.19 4.85
CA GLN B 221 1.71 -0.09 3.67
C GLN B 221 0.53 -0.92 3.97
N ARG B 222 0.71 -1.88 4.85
CA ARG B 222 -0.41 -2.74 5.19
C ARG B 222 -1.48 -1.96 5.98
N ILE B 223 -1.07 -1.07 6.88
CA ILE B 223 -2.00 -0.23 7.61
C ILE B 223 -2.75 0.75 6.70
N PHE B 224 -2.07 1.27 5.69
CA PHE B 224 -2.67 2.14 4.73
C PHE B 224 -3.76 1.42 4.01
N TYR B 225 -3.42 0.23 3.54
CA TYR B 225 -4.39 -0.60 2.85
C TYR B 225 -5.60 -0.87 3.71
N LEU B 226 -5.38 -1.27 4.94
CA LEU B 226 -6.51 -1.61 5.78
C LEU B 226 -7.31 -0.35 6.13
N LYS B 227 -6.67 0.80 6.22
CA LYS B 227 -7.44 2.00 6.52
C LYS B 227 -8.30 2.40 5.30
N LEU B 228 -7.73 2.23 4.13
CA LEU B 228 -8.40 2.45 2.88
C LEU B 228 -9.63 1.58 2.72
N GLU B 229 -9.49 0.33 3.09
CA GLU B 229 -10.56 -0.60 3.01
C GLU B 229 -11.57 -0.33 4.15
N ASP B 230 -11.07 -0.04 5.33
CA ASP B 230 -11.89 0.33 6.47
C ASP B 230 -12.96 -0.71 6.85
N LEU B 231 -12.64 -1.97 7.01
CA LEU B 231 -13.65 -2.86 7.46
C LEU B 231 -13.99 -2.55 8.89
N VAL B 232 -12.96 -2.25 9.67
CA VAL B 232 -13.05 -1.73 11.03
C VAL B 232 -11.99 -0.67 11.20
N PRO B 233 -12.27 0.31 12.02
CA PRO B 233 -11.32 1.36 12.11
C PRO B 233 -10.13 0.93 12.96
N PRO B 234 -8.97 1.55 12.76
CA PRO B 234 -7.83 1.25 13.60
C PRO B 234 -8.04 1.81 15.01
N PRO B 235 -7.43 1.21 16.02
CA PRO B 235 -7.44 1.83 17.36
C PRO B 235 -6.76 3.15 17.29
N PRO B 236 -7.30 4.11 18.02
CA PRO B 236 -6.76 5.45 17.99
C PRO B 236 -5.26 5.58 18.21
N ILE B 237 -4.68 4.82 19.13
CA ILE B 237 -3.23 4.99 19.38
C ILE B 237 -2.38 4.49 18.21
N ILE B 238 -2.80 3.39 17.58
CA ILE B 238 -2.09 2.91 16.34
C ILE B 238 -2.24 3.91 15.18
N ASP B 239 -3.43 4.43 15.07
CA ASP B 239 -3.75 5.34 14.03
C ASP B 239 -2.90 6.58 14.23
N LYS B 240 -2.71 7.02 15.47
CA LYS B 240 -1.85 8.17 15.67
C LYS B 240 -0.41 7.92 15.29
N ILE B 241 0.07 6.76 15.65
CA ILE B 241 1.42 6.34 15.27
C ILE B 241 1.59 6.31 13.76
N PHE B 242 0.61 5.74 13.07
CA PHE B 242 0.63 5.70 11.62
C PHE B 242 0.71 7.10 11.07
N MET B 243 -0.22 7.96 11.48
CA MET B 243 -0.22 9.34 11.00
C MET B 243 1.03 10.13 11.42
N ASP B 244 1.49 9.98 12.66
CA ASP B 244 2.68 10.76 13.07
C ASP B 244 3.96 10.30 12.43
N THR B 245 4.02 9.08 11.92
CA THR B 245 5.28 8.63 11.33
C THR B 245 5.28 8.68 9.80
N LEU B 246 4.30 9.34 9.19
CA LEU B 246 4.34 9.71 7.75
C LEU B 246 4.95 11.08 7.40
N PRO B 247 6.14 11.10 6.79
CA PRO B 247 6.72 12.38 6.31
C PRO B 247 5.96 13.02 5.13
N PHE B 248 4.78 13.59 5.36
CA PHE B 248 4.11 14.43 4.36
C PHE B 248 2.74 14.77 4.93
C1 GOL C . -9.08 6.81 -28.68
O1 GOL C . -9.28 5.77 -29.66
C2 GOL C . -8.61 6.07 -27.41
O2 GOL C . -7.19 6.07 -27.47
C3 GOL C . -9.11 6.82 -26.22
O3 GOL C . -8.51 6.37 -25.05
C1 GOL D . 10.24 -10.37 24.50
O1 GOL D . 10.02 -10.14 23.09
C2 GOL D . 10.63 -11.82 24.69
O2 GOL D . 9.56 -12.70 24.30
C3 GOL D . 11.01 -12.16 26.15
O3 GOL D . 11.47 -13.53 26.13
C1 3N0 E . 20.45 -0.14 15.55
C2 3N0 E . 20.56 1.33 15.85
C3 3N0 E . 20.49 1.83 17.13
C4 3N0 E . 20.65 3.20 17.38
C5 3N0 E . 20.88 4.04 16.30
C6 3N0 E . 20.98 3.56 15.01
C7 3N0 E . 20.82 2.19 14.79
C11 3N0 E . 19.76 -1.16 16.41
C12 3N0 E . 20.28 -2.59 16.13
O8 3N0 E . 20.55 3.68 18.69
O9 3N0 E . 21.06 5.37 16.44
O10 3N0 E . 21.24 4.44 13.96
C13 3N0 E . 19.45 -3.49 15.20
C14 3N0 E . 20.08 -3.70 13.81
C15 3N0 E . 19.38 -4.79 12.97
O16 3N0 E . 21.03 -0.55 14.56
C1 GOL F . 14.40 -22.99 14.94
O1 GOL F . 15.13 -21.83 15.39
C2 GOL F . 13.72 -22.43 13.66
O2 GOL F . 14.01 -23.15 12.49
C3 GOL F . 12.26 -22.38 13.73
O3 GOL F . 12.00 -23.18 14.90
C1 GOL G . 5.95 -17.34 0.46
O1 GOL G . 6.32 -17.10 1.81
C2 GOL G . 4.85 -16.42 -0.01
O2 GOL G . 5.21 -15.06 0.19
C3 GOL G . 4.58 -16.70 -1.48
O3 GOL G . 3.31 -17.33 -1.51
#